data_4WZM
#
_entry.id   4WZM
#
_cell.length_a   94.306
_cell.length_b   94.306
_cell.length_c   100.815
_cell.angle_alpha   90.00
_cell.angle_beta   90.00
_cell.angle_gamma   120.00
#
_symmetry.space_group_name_H-M   'P 32 2 1'
#
loop_
_entity.id
_entity.type
_entity.pdbx_description
1 polymer 'RNA dependent RNA polymerase'
2 polymer 'RNA template'
3 polymer 'RNA primer'
4 non-polymer GLYCEROL
5 non-polymer 'ACETATE ION'
6 non-polymer 'MANGANESE (II) ION'
7 water water
#
loop_
_entity_poly.entity_id
_entity_poly.type
_entity_poly.pdbx_seq_one_letter_code
_entity_poly.pdbx_strand_id
1 'polypeptide(L)'
;GLIVDTRDVEERVHVMRETKLAPTVAHGVFNPEFGPAALSNKDPRLNEGVVLDEVIFSKHKGDTKMSAEDKALFRRCAAD
YASRLHSVLGTANAPLSIYEAIKGVDGLDAMEPDTAPGLPWALQGKRRGALIDFENGTVGPEVEAALKLMEKREYKFACQ
TFLKDEIRPMEKVRAGKTRIVDVLPVEHILYTRMMIGRFCAQMHSNNGPQIGSAVGCNPDVDWQRFGTHFAQYRNVWDVD
YSAFDANHCSDAMNIMFEEVFRTEFGFHPNAEWILKTLVNTEHAYENKRITVEGGMPSGCSATSIINTILNNIYVLYALR
RHYEGVELDTYTMISYGDDIVVASDYDLDFEALKPHFKSLGQTITPADKSDKGFVLGHSITDVTFLKRHFHMDYGTGFYK
PVMASKTLEAILSFARRGTIQEKLISVAGLAVHSGPDEYRRLFEPFQGLFEIPSYRSLYLRWVNAVCGDAAAALEHHHHH
H
;
A
2 'polyribonucleotide' AUGGGCCC B
3 'polyribonucleotide' UGGGCCC C
#
loop_
_chem_comp.id
_chem_comp.type
_chem_comp.name
_chem_comp.formula
A RNA linking ADENOSINE-5'-MONOPHOSPHATE 'C10 H14 N5 O7 P'
ACT non-polymer 'ACETATE ION' 'C2 H3 O2 -1'
C RNA linking CYTIDINE-5'-MONOPHOSPHATE 'C9 H14 N3 O8 P'
G RNA linking GUANOSINE-5'-MONOPHOSPHATE 'C10 H14 N5 O8 P'
GOL non-polymer GLYCEROL 'C3 H8 O3'
MN non-polymer 'MANGANESE (II) ION' 'Mn 2'
U RNA linking URIDINE-5'-MONOPHOSPHATE 'C9 H13 N2 O9 P'
#
# COMPACT_ATOMS: atom_id res chain seq x y z
N GLY A 1 -4.35 15.79 3.59
CA GLY A 1 -4.21 17.03 2.79
C GLY A 1 -5.25 18.09 3.13
N LEU A 2 -4.94 19.34 2.85
CA LEU A 2 -5.84 20.45 3.12
C LEU A 2 -6.75 20.68 1.93
N ILE A 3 -8.06 20.49 2.14
CA ILE A 3 -9.04 20.86 1.13
C ILE A 3 -9.06 22.38 1.01
N VAL A 4 -8.70 22.90 -0.16
CA VAL A 4 -8.65 24.35 -0.35
C VAL A 4 -9.97 24.89 -0.89
N ASP A 5 -10.56 24.20 -1.87
CA ASP A 5 -11.80 24.67 -2.51
C ASP A 5 -12.74 23.50 -2.81
N THR A 6 -14.03 23.74 -2.59
CA THR A 6 -15.08 22.82 -2.99
C THR A 6 -16.05 23.58 -3.89
N ARG A 7 -16.40 22.97 -5.01
CA ARG A 7 -17.34 23.58 -5.95
C ARG A 7 -18.10 22.50 -6.71
N ASP A 8 -19.30 22.85 -7.17
CA ASP A 8 -20.12 21.96 -8.00
C ASP A 8 -19.90 22.32 -9.47
N VAL A 9 -20.11 21.34 -10.35
CA VAL A 9 -20.03 21.55 -11.78
C VAL A 9 -21.17 20.79 -12.48
N GLU A 10 -21.62 21.32 -13.62
CA GLU A 10 -22.76 20.76 -14.34
C GLU A 10 -22.61 19.28 -14.66
N GLU A 11 -21.42 18.87 -15.08
CA GLU A 11 -21.18 17.51 -15.53
C GLU A 11 -20.84 16.60 -14.35
N ARG A 12 -21.68 15.59 -14.15
CA ARG A 12 -21.52 14.64 -13.05
C ARG A 12 -20.81 13.39 -13.56
N VAL A 13 -19.84 12.90 -12.79
CA VAL A 13 -19.13 11.66 -13.12
C VAL A 13 -19.75 10.46 -12.39
N HIS A 14 -19.76 9.31 -13.06
CA HIS A 14 -20.43 8.12 -12.53
C HIS A 14 -19.60 7.51 -11.40
N VAL A 15 -20.26 7.23 -10.29
CA VAL A 15 -19.62 6.58 -9.14
C VAL A 15 -20.37 5.29 -8.84
N MET A 16 -19.66 4.17 -8.92
CA MET A 16 -20.27 2.84 -8.79
C MET A 16 -20.77 2.58 -7.37
N ARG A 17 -22.07 2.32 -7.23
CA ARG A 17 -22.71 2.16 -5.93
C ARG A 17 -23.42 0.81 -5.76
N GLU A 18 -22.80 -0.24 -6.31
CA GLU A 18 -23.33 -1.60 -6.22
C GLU A 18 -22.24 -2.61 -5.85
N THR A 19 -22.31 -3.14 -4.63
CA THR A 19 -21.32 -4.12 -4.18
C THR A 19 -21.50 -5.44 -4.93
N LYS A 20 -20.41 -5.94 -5.49
CA LYS A 20 -20.39 -7.24 -6.14
C LYS A 20 -20.25 -8.36 -5.11
N LEU A 21 -19.87 -8.00 -3.89
CA LEU A 21 -19.58 -8.98 -2.86
C LEU A 21 -20.86 -9.51 -2.20
N ALA A 22 -21.26 -10.72 -2.59
CA ALA A 22 -22.37 -11.41 -1.96
C ALA A 22 -21.82 -12.44 -0.98
N PRO A 23 -22.58 -12.78 0.08
CA PRO A 23 -22.10 -13.76 1.06
C PRO A 23 -21.90 -15.16 0.48
N THR A 24 -21.40 -16.08 1.32
CA THR A 24 -21.23 -17.48 0.95
C THR A 24 -21.76 -18.34 2.08
N VAL A 25 -21.89 -19.64 1.83
CA VAL A 25 -22.29 -20.59 2.88
C VAL A 25 -21.51 -20.39 4.19
N ALA A 26 -20.25 -20.00 4.09
CA ALA A 26 -19.42 -19.70 5.26
C ALA A 26 -19.99 -18.57 6.12
N HIS A 27 -20.63 -17.59 5.48
CA HIS A 27 -21.21 -16.45 6.21
C HIS A 27 -22.22 -16.88 7.29
N GLY A 28 -23.08 -17.84 6.94
CA GLY A 28 -24.05 -18.38 7.88
C GLY A 28 -23.42 -19.04 9.08
N VAL A 29 -22.29 -19.71 8.86
CA VAL A 29 -21.57 -20.40 9.94
C VAL A 29 -20.78 -19.41 10.80
N PHE A 30 -19.96 -18.60 10.13
CA PHE A 30 -18.96 -17.78 10.82
C PHE A 30 -19.49 -16.44 11.35
N ASN A 31 -20.57 -15.94 10.77
CA ASN A 31 -21.17 -14.69 11.25
C ASN A 31 -20.08 -13.66 11.57
N PRO A 32 -19.31 -13.28 10.55
CA PRO A 32 -18.18 -12.37 10.75
C PRO A 32 -18.66 -10.97 11.12
N GLU A 33 -17.91 -10.27 11.96
CA GLU A 33 -18.22 -8.86 12.28
C GLU A 33 -17.70 -7.94 11.17
N PHE A 34 -17.94 -8.33 9.92
CA PHE A 34 -17.42 -7.65 8.74
C PHE A 34 -18.47 -7.71 7.65
N GLY A 35 -18.43 -6.74 6.75
CA GLY A 35 -19.32 -6.74 5.60
C GLY A 35 -18.90 -5.69 4.59
N PRO A 36 -19.51 -5.71 3.39
CA PRO A 36 -19.11 -4.81 2.32
C PRO A 36 -19.15 -3.35 2.73
N ALA A 37 -18.23 -2.55 2.20
CA ALA A 37 -18.27 -1.13 2.45
C ALA A 37 -19.59 -0.57 1.93
N ALA A 38 -20.12 0.43 2.62
CA ALA A 38 -21.30 1.13 2.14
C ALA A 38 -20.92 1.96 0.92
N LEU A 39 -21.58 1.72 -0.20
CA LEU A 39 -21.34 2.46 -1.45
C LEU A 39 -22.44 3.48 -1.73
N SER A 40 -23.69 3.09 -1.52
CA SER A 40 -24.84 3.97 -1.69
C SER A 40 -24.98 4.95 -0.52
N ASN A 41 -25.43 6.17 -0.82
CA ASN A 41 -25.77 7.16 0.20
C ASN A 41 -26.91 6.69 1.11
N LYS A 42 -27.78 5.84 0.59
CA LYS A 42 -28.97 5.39 1.30
C LYS A 42 -29.00 3.87 1.48
N ASP A 43 -27.85 3.33 1.88
CA ASP A 43 -27.74 1.96 2.36
C ASP A 43 -28.60 1.82 3.64
N PRO A 44 -29.32 0.70 3.80
CA PRO A 44 -30.03 0.53 5.08
C PRO A 44 -29.13 0.43 6.34
N ARG A 45 -27.85 0.13 6.16
CA ARG A 45 -26.98 -0.28 7.26
C ARG A 45 -26.20 0.87 7.90
N LEU A 46 -26.17 2.04 7.27
CA LEU A 46 -25.34 3.13 7.79
C LEU A 46 -25.94 3.66 9.08
N ASN A 47 -25.09 4.16 9.96
CA ASN A 47 -25.55 4.88 11.14
C ASN A 47 -26.13 6.21 10.67
N GLU A 48 -27.38 6.46 11.04
CA GLU A 48 -28.03 7.73 10.72
C GLU A 48 -27.39 8.82 11.58
N GLY A 49 -27.31 10.06 11.08
CA GLY A 49 -27.95 10.50 9.84
C GLY A 49 -27.13 10.40 8.56
N VAL A 50 -26.21 9.42 8.50
CA VAL A 50 -25.57 8.99 7.24
C VAL A 50 -24.47 9.96 6.75
N VAL A 51 -24.68 10.59 5.59
CA VAL A 51 -23.70 11.43 4.89
C VAL A 51 -22.36 10.75 4.55
N LEU A 52 -22.40 9.82 3.59
CA LEU A 52 -21.17 9.23 3.05
C LEU A 52 -20.24 10.32 2.56
N ASP A 53 -20.77 11.17 1.69
CA ASP A 53 -19.98 12.21 1.03
C ASP A 53 -19.21 13.09 2.02
N GLU A 54 -19.70 13.20 3.25
CA GLU A 54 -18.98 13.90 4.32
C GLU A 54 -17.88 13.05 4.96
N VAL A 55 -18.18 11.78 5.22
CA VAL A 55 -17.22 10.90 5.90
C VAL A 55 -16.03 10.62 5.00
N ILE A 56 -16.33 10.18 3.78
CA ILE A 56 -15.31 9.84 2.77
C ILE A 56 -14.13 10.82 2.73
N PHE A 57 -14.42 12.10 2.78
CA PHE A 57 -13.38 13.13 2.66
C PHE A 57 -12.92 13.69 4.00
N SER A 58 -13.47 13.20 5.10
CA SER A 58 -13.12 13.68 6.43
C SER A 58 -11.66 13.37 6.81
N LYS A 59 -11.06 12.39 6.14
CA LYS A 59 -9.64 12.07 6.32
C LYS A 59 -8.69 13.24 6.06
N HIS A 60 -9.13 14.19 5.25
CA HIS A 60 -8.39 15.43 5.01
C HIS A 60 -8.52 16.42 6.17
N LYS A 61 -7.61 16.34 7.14
CA LYS A 61 -7.62 17.22 8.32
C LYS A 61 -6.65 18.41 8.21
N GLY A 62 -6.13 18.67 7.01
CA GLY A 62 -5.16 19.75 6.83
C GLY A 62 -3.84 19.31 6.24
N ASP A 63 -2.90 20.27 6.16
CA ASP A 63 -1.60 20.06 5.54
C ASP A 63 -0.54 20.71 6.40
N THR A 64 0.02 19.91 7.31
CA THR A 64 0.97 20.41 8.28
C THR A 64 2.09 21.19 7.60
N LYS A 65 2.44 22.33 8.17
CA LYS A 65 3.52 23.14 7.64
C LYS A 65 4.69 22.98 8.60
N MET A 66 5.88 22.80 8.05
CA MET A 66 7.05 22.51 8.84
C MET A 66 7.93 23.74 8.91
N SER A 67 8.56 23.94 10.07
CA SER A 67 9.51 25.04 10.22
C SER A 67 10.69 24.88 9.27
N ALA A 68 11.49 25.93 9.14
CA ALA A 68 12.71 25.86 8.34
C ALA A 68 13.62 24.77 8.92
N GLU A 69 13.83 24.81 10.23
CA GLU A 69 14.62 23.79 10.93
C GLU A 69 14.14 22.38 10.57
N ASP A 70 12.88 22.10 10.83
CA ASP A 70 12.32 20.75 10.61
C ASP A 70 12.43 20.28 9.17
N LYS A 71 12.22 21.20 8.22
CA LYS A 71 12.41 20.90 6.80
C LYS A 71 13.86 20.53 6.51
N ALA A 72 14.80 21.28 7.07
CA ALA A 72 16.23 20.99 6.89
C ALA A 72 16.61 19.65 7.50
N LEU A 73 16.05 19.33 8.66
CA LEU A 73 16.28 18.03 9.30
C LEU A 73 15.71 16.90 8.43
N PHE A 74 14.52 17.14 7.89
CA PHE A 74 13.87 16.15 7.06
C PHE A 74 14.68 15.95 5.77
N ARG A 75 15.24 17.04 5.26
CA ARG A 75 16.05 16.98 4.06
C ARG A 75 17.33 16.20 4.32
N ARG A 76 17.88 16.31 5.52
CA ARG A 76 19.04 15.48 5.88
C ARG A 76 18.67 14.01 5.96
N CYS A 77 17.51 13.72 6.54
CA CYS A 77 17.06 12.35 6.69
C CYS A 77 16.69 11.72 5.36
N ALA A 78 16.11 12.53 4.47
CA ALA A 78 15.72 12.07 3.14
C ALA A 78 16.95 11.83 2.27
N ALA A 79 17.91 12.75 2.34
CA ALA A 79 19.15 12.61 1.60
C ALA A 79 19.99 11.45 2.12
N ASP A 80 19.91 11.18 3.42
CA ASP A 80 20.66 10.08 4.02
C ASP A 80 20.11 8.73 3.58
N TYR A 81 18.79 8.58 3.67
CA TYR A 81 18.12 7.39 3.19
C TYR A 81 18.30 7.23 1.68
N ALA A 82 18.25 8.33 0.93
CA ALA A 82 18.47 8.27 -0.51
C ALA A 82 19.86 7.72 -0.82
N SER A 83 20.83 8.05 0.03
CA SER A 83 22.19 7.55 -0.10
C SER A 83 22.19 6.02 0.04
N ARG A 84 21.63 5.54 1.15
CA ARG A 84 21.51 4.11 1.43
C ARG A 84 20.77 3.35 0.33
N LEU A 85 19.65 3.92 -0.11
CA LEU A 85 18.81 3.32 -1.14
C LEU A 85 19.56 3.19 -2.48
N HIS A 86 20.10 4.28 -2.98
CA HIS A 86 20.76 4.26 -4.29
C HIS A 86 22.11 3.54 -4.27
N SER A 87 22.69 3.38 -3.08
CA SER A 87 23.85 2.54 -2.91
C SER A 87 23.51 1.07 -3.27
N VAL A 88 22.47 0.54 -2.62
CA VAL A 88 22.04 -0.83 -2.85
C VAL A 88 21.50 -1.05 -4.28
N LEU A 89 20.72 -0.12 -4.77
CA LEU A 89 20.03 -0.30 -6.06
C LEU A 89 20.89 0.08 -7.28
N GLY A 90 21.92 0.89 -7.08
CA GLY A 90 22.68 1.44 -8.20
C GLY A 90 21.97 2.66 -8.76
N THR A 91 22.51 3.21 -9.85
CA THR A 91 22.02 4.48 -10.38
C THR A 91 21.54 4.39 -11.83
N ALA A 92 21.15 3.18 -12.26
CA ALA A 92 20.66 2.99 -13.62
C ALA A 92 19.16 3.26 -13.65
N ASN A 93 18.79 4.53 -13.69
CA ASN A 93 17.39 4.93 -13.59
C ASN A 93 16.95 5.76 -14.80
N ALA A 94 17.56 5.49 -15.94
CA ALA A 94 17.23 6.22 -17.16
C ALA A 94 15.79 5.93 -17.56
N PRO A 95 15.15 6.87 -18.26
CA PRO A 95 13.78 6.64 -18.73
C PRO A 95 13.56 5.27 -19.36
N LEU A 96 12.53 4.60 -18.86
CA LEU A 96 12.05 3.36 -19.43
C LEU A 96 11.40 3.68 -20.78
N SER A 97 11.49 2.77 -21.74
CA SER A 97 10.91 3.00 -23.06
C SER A 97 9.39 2.92 -22.98
N ILE A 98 8.73 3.60 -23.92
CA ILE A 98 7.27 3.55 -23.99
C ILE A 98 6.79 2.09 -24.01
N TYR A 99 7.47 1.26 -24.81
CA TYR A 99 7.19 -0.18 -24.89
C TYR A 99 7.37 -0.88 -23.55
N GLU A 100 8.50 -0.63 -22.89
CA GLU A 100 8.81 -1.27 -21.62
C GLU A 100 7.78 -0.87 -20.55
N ALA A 101 7.51 0.44 -20.44
CA ALA A 101 6.58 0.99 -19.46
C ALA A 101 5.20 0.35 -19.50
N ILE A 102 4.74 -0.04 -20.68
CA ILE A 102 3.46 -0.73 -20.83
C ILE A 102 3.64 -2.21 -20.52
N LYS A 103 4.68 -2.80 -21.10
CA LYS A 103 4.91 -4.24 -21.01
C LYS A 103 5.59 -4.65 -19.70
N GLY A 104 6.16 -3.68 -18.99
CA GLY A 104 6.96 -3.97 -17.80
C GLY A 104 8.32 -4.52 -18.18
N VAL A 105 9.21 -4.60 -17.20
CA VAL A 105 10.50 -5.28 -17.34
C VAL A 105 10.64 -6.26 -16.19
N ASP A 106 11.81 -6.87 -16.05
CA ASP A 106 12.07 -7.76 -14.93
C ASP A 106 11.82 -7.03 -13.61
N GLY A 107 11.02 -7.63 -12.73
CA GLY A 107 10.68 -7.03 -11.44
C GLY A 107 9.65 -5.91 -11.48
N LEU A 108 8.99 -5.72 -12.62
CA LEU A 108 7.95 -4.71 -12.75
C LEU A 108 6.88 -5.23 -13.72
N ASP A 109 5.72 -5.61 -13.19
CA ASP A 109 4.67 -6.19 -14.02
C ASP A 109 4.19 -5.20 -15.08
N ALA A 110 3.50 -5.73 -16.08
CA ALA A 110 2.92 -4.91 -17.12
C ALA A 110 1.75 -4.09 -16.54
N MET A 111 1.35 -3.05 -17.27
CA MET A 111 0.19 -2.25 -16.92
C MET A 111 -1.08 -3.05 -17.18
N GLU A 112 -2.11 -2.81 -16.38
CA GLU A 112 -3.39 -3.51 -16.54
C GLU A 112 -4.07 -3.08 -17.85
N PRO A 113 -4.48 -4.06 -18.68
CA PRO A 113 -5.11 -3.73 -19.95
C PRO A 113 -6.48 -3.07 -19.86
N ASP A 114 -7.38 -3.60 -19.04
CA ASP A 114 -8.76 -3.08 -18.98
C ASP A 114 -9.18 -2.61 -17.59
N THR A 115 -8.38 -1.73 -16.99
CA THR A 115 -8.76 -1.03 -15.76
C THR A 115 -9.20 0.39 -16.11
N ALA A 116 -9.63 1.16 -15.12
CA ALA A 116 -10.14 2.50 -15.37
C ALA A 116 -9.06 3.35 -16.05
N PRO A 117 -9.46 4.19 -17.02
CA PRO A 117 -8.55 5.08 -17.72
C PRO A 117 -8.31 6.41 -17.00
N GLY A 118 -9.22 6.78 -16.11
CA GLY A 118 -9.17 8.08 -15.42
C GLY A 118 -9.86 9.18 -16.20
N LEU A 119 -9.53 10.42 -15.88
CA LEU A 119 -10.08 11.57 -16.59
C LEU A 119 -9.05 12.12 -17.58
N PRO A 120 -9.52 12.73 -18.70
CA PRO A 120 -10.92 12.99 -19.05
C PRO A 120 -11.57 11.88 -19.89
N TRP A 121 -10.96 10.69 -19.95
CA TRP A 121 -11.40 9.63 -20.85
C TRP A 121 -12.73 8.97 -20.44
N ALA A 122 -13.04 9.00 -19.14
CA ALA A 122 -14.29 8.43 -18.62
C ALA A 122 -15.52 9.28 -18.96
N LEU A 123 -15.30 10.58 -19.12
CA LEU A 123 -16.37 11.49 -19.58
C LEU A 123 -16.71 11.24 -21.05
N GLN A 124 -15.73 10.75 -21.81
CA GLN A 124 -15.94 10.39 -23.22
C GLN A 124 -16.48 8.98 -23.42
N GLY A 125 -16.68 8.23 -22.34
CA GLY A 125 -17.07 6.82 -22.43
C GLY A 125 -16.05 6.09 -23.30
N LYS A 126 -14.87 5.83 -22.72
CA LYS A 126 -13.79 5.20 -23.45
C LYS A 126 -12.93 4.36 -22.52
N ARG A 127 -12.42 3.24 -23.03
CA ARG A 127 -11.58 2.33 -22.25
C ARG A 127 -10.10 2.52 -22.60
N ARG A 128 -9.23 1.88 -21.84
CA ARG A 128 -7.78 1.98 -22.03
C ARG A 128 -7.33 1.41 -23.38
N GLY A 129 -7.92 0.27 -23.75
CA GLY A 129 -7.64 -0.38 -25.03
C GLY A 129 -7.75 0.55 -26.24
N ALA A 130 -8.64 1.54 -26.15
CA ALA A 130 -8.81 2.53 -27.21
C ALA A 130 -7.65 3.53 -27.28
N LEU A 131 -7.07 3.87 -26.13
CA LEU A 131 -5.95 4.82 -26.08
C LEU A 131 -4.56 4.16 -26.17
N ILE A 132 -4.45 2.90 -25.76
CA ILE A 132 -3.16 2.20 -25.77
C ILE A 132 -3.30 0.75 -26.25
N ASP A 133 -2.34 0.33 -27.06
CA ASP A 133 -2.22 -1.07 -27.48
C ASP A 133 -1.27 -1.77 -26.52
N PHE A 134 -1.81 -2.68 -25.71
CA PHE A 134 -1.04 -3.34 -24.66
C PHE A 134 -0.28 -4.56 -25.16
N GLU A 135 -0.88 -5.31 -26.09
CA GLU A 135 -0.20 -6.46 -26.70
C GLU A 135 1.06 -6.00 -27.45
N ASN A 136 0.95 -4.87 -28.15
CA ASN A 136 2.07 -4.29 -28.88
C ASN A 136 2.95 -3.39 -28.01
N GLY A 137 2.36 -2.34 -27.44
CA GLY A 137 3.08 -1.41 -26.57
C GLY A 137 3.41 -0.08 -27.24
N THR A 138 2.38 0.54 -27.82
CA THR A 138 2.52 1.81 -28.54
C THR A 138 1.14 2.24 -29.05
N VAL A 139 1.11 3.28 -29.89
CA VAL A 139 -0.08 3.63 -30.68
C VAL A 139 -1.25 4.19 -29.87
N GLY A 140 -2.26 4.69 -30.60
CA GLY A 140 -3.50 5.18 -30.03
C GLY A 140 -3.52 6.57 -29.39
N PRO A 141 -2.59 7.47 -29.77
CA PRO A 141 -2.63 8.79 -29.13
C PRO A 141 -3.21 9.92 -29.98
N GLU A 142 -3.75 10.99 -29.39
CA GLU A 142 -4.15 11.14 -27.97
C GLU A 142 -3.06 11.13 -26.87
N VAL A 143 -2.76 9.96 -26.29
CA VAL A 143 -1.70 9.81 -25.27
C VAL A 143 -0.41 10.58 -25.60
N GLU A 144 0.34 10.17 -26.63
CA GLU A 144 1.44 10.98 -27.19
C GLU A 144 1.27 12.50 -27.05
N ALA A 145 0.07 13.01 -27.31
CA ALA A 145 -0.21 14.44 -27.09
C ALA A 145 -0.06 14.82 -25.61
N ALA A 146 -0.48 13.92 -24.72
CA ALA A 146 -0.23 14.08 -23.28
C ALA A 146 1.25 13.91 -22.95
N LEU A 147 1.88 12.88 -23.50
CA LEU A 147 3.33 12.67 -23.34
C LEU A 147 4.09 13.98 -23.53
N LYS A 148 3.85 14.63 -24.66
CA LYS A 148 4.50 15.89 -25.01
C LYS A 148 4.22 17.00 -23.98
N LEU A 149 2.99 17.06 -23.48
CA LEU A 149 2.63 18.05 -22.47
C LEU A 149 3.35 17.81 -21.14
N MET A 150 3.61 16.53 -20.84
CA MET A 150 4.40 16.17 -19.67
C MET A 150 5.87 16.42 -19.93
N GLU A 151 6.35 16.02 -21.12
CA GLU A 151 7.72 16.31 -21.56
C GLU A 151 8.04 17.80 -21.49
N LYS A 152 7.04 18.64 -21.80
CA LYS A 152 7.17 20.10 -21.72
C LYS A 152 6.73 20.68 -20.36
N ARG A 153 6.57 19.82 -19.36
CA ARG A 153 6.24 20.23 -17.99
C ARG A 153 5.02 21.15 -17.88
N GLU A 154 3.99 20.87 -18.66
CA GLU A 154 2.75 21.65 -18.62
C GLU A 154 1.49 20.78 -18.71
N TYR A 155 1.60 19.50 -18.39
CA TYR A 155 0.45 18.61 -18.33
C TYR A 155 -0.28 18.85 -17.01
N LYS A 156 -1.61 18.82 -17.08
CA LYS A 156 -2.46 18.92 -15.91
C LYS A 156 -3.52 17.84 -16.00
N PHE A 157 -4.12 17.52 -14.85
CA PHE A 157 -5.08 16.41 -14.79
C PHE A 157 -5.98 16.54 -13.57
N ALA A 158 -6.83 15.54 -13.39
CA ALA A 158 -7.64 15.41 -12.19
C ALA A 158 -7.86 13.94 -11.87
N CYS A 159 -7.92 13.63 -10.57
CA CYS A 159 -8.11 12.25 -10.13
C CYS A 159 -9.60 11.94 -10.11
N GLN A 160 -9.96 10.75 -10.60
CA GLN A 160 -11.34 10.30 -10.59
C GLN A 160 -11.59 9.49 -9.32
N THR A 161 -12.47 9.97 -8.45
CA THR A 161 -12.71 9.32 -7.16
C THR A 161 -13.68 8.16 -7.30
N PHE A 162 -13.24 6.97 -6.89
CA PHE A 162 -14.09 5.78 -6.81
C PHE A 162 -14.23 5.36 -5.35
N LEU A 163 -15.36 4.76 -5.01
CA LEU A 163 -15.53 4.15 -3.70
C LEU A 163 -15.02 2.73 -3.75
N LYS A 164 -14.26 2.35 -2.75
CA LYS A 164 -13.62 1.05 -2.70
C LYS A 164 -14.63 -0.04 -2.33
N ASP A 165 -14.94 -0.92 -3.29
CA ASP A 165 -15.82 -2.06 -3.03
C ASP A 165 -15.00 -3.18 -2.40
N GLU A 166 -15.18 -3.35 -1.09
CA GLU A 166 -14.35 -4.26 -0.30
C GLU A 166 -15.03 -4.62 1.02
N ILE A 167 -14.56 -5.70 1.64
CA ILE A 167 -15.06 -6.08 2.96
C ILE A 167 -14.37 -5.23 4.01
N ARG A 168 -15.14 -4.75 4.98
CA ARG A 168 -14.64 -3.92 6.06
C ARG A 168 -15.31 -4.34 7.35
N PRO A 169 -14.72 -3.95 8.50
CA PRO A 169 -15.41 -4.23 9.76
C PRO A 169 -16.73 -3.47 9.81
N MET A 170 -17.76 -4.10 10.38
CA MET A 170 -19.11 -3.55 10.42
C MET A 170 -19.22 -2.21 11.15
N GLU A 171 -18.33 -1.97 12.11
CA GLU A 171 -18.24 -0.68 12.77
C GLU A 171 -17.83 0.41 11.76
N LYS A 172 -16.78 0.13 11.00
CA LYS A 172 -16.36 1.00 9.89
C LYS A 172 -17.49 1.19 8.87
N VAL A 173 -18.17 0.09 8.56
CA VAL A 173 -19.24 0.09 7.58
C VAL A 173 -20.41 0.96 8.05
N ARG A 174 -20.86 0.71 9.28
CA ARG A 174 -21.95 1.48 9.91
C ARG A 174 -21.62 2.96 9.94
N ALA A 175 -20.39 3.28 10.29
CA ALA A 175 -19.95 4.67 10.40
C ALA A 175 -19.71 5.35 9.05
N GLY A 176 -20.03 4.67 7.95
CA GLY A 176 -19.80 5.20 6.62
C GLY A 176 -18.34 5.44 6.30
N LYS A 177 -17.44 4.69 6.94
CA LYS A 177 -16.00 4.84 6.74
C LYS A 177 -15.56 4.03 5.52
N THR A 178 -16.08 4.42 4.36
CA THR A 178 -15.76 3.76 3.11
C THR A 178 -14.52 4.42 2.52
N ARG A 179 -13.56 3.60 2.10
CA ARG A 179 -12.31 4.09 1.57
C ARG A 179 -12.49 4.47 0.11
N ILE A 180 -11.66 5.41 -0.35
CA ILE A 180 -11.73 5.85 -1.72
C ILE A 180 -10.45 5.62 -2.49
N VAL A 181 -10.63 5.36 -3.77
CA VAL A 181 -9.56 5.11 -4.69
C VAL A 181 -9.47 6.29 -5.64
N ASP A 182 -8.26 6.83 -5.77
CA ASP A 182 -8.01 8.04 -6.54
C ASP A 182 -7.44 7.61 -7.87
N VAL A 183 -8.31 7.43 -8.86
CA VAL A 183 -7.90 6.94 -10.18
C VAL A 183 -7.22 8.07 -10.97
N LEU A 184 -5.95 7.87 -11.30
CA LEU A 184 -5.22 8.82 -12.14
C LEU A 184 -5.38 8.46 -13.62
N PRO A 185 -5.16 9.43 -14.52
CA PRO A 185 -5.18 9.16 -15.96
C PRO A 185 -4.08 8.17 -16.38
N VAL A 186 -4.45 7.20 -17.23
CA VAL A 186 -3.53 6.14 -17.65
C VAL A 186 -2.23 6.62 -18.29
N GLU A 187 -2.23 7.84 -18.81
CA GLU A 187 -1.02 8.45 -19.39
C GLU A 187 -0.04 8.88 -18.31
N HIS A 188 -0.58 9.31 -17.16
CA HIS A 188 0.22 9.73 -16.01
C HIS A 188 0.95 8.53 -15.40
N ILE A 189 0.22 7.44 -15.24
CA ILE A 189 0.77 6.19 -14.73
C ILE A 189 1.88 5.71 -15.66
N LEU A 190 1.65 5.86 -16.95
CA LEU A 190 2.62 5.49 -17.97
C LEU A 190 3.89 6.33 -17.87
N TYR A 191 3.71 7.64 -17.74
CA TYR A 191 4.85 8.53 -17.70
C TYR A 191 5.67 8.35 -16.42
N THR A 192 4.99 8.26 -15.29
CA THR A 192 5.66 7.97 -14.01
C THR A 192 6.44 6.67 -14.10
N ARG A 193 5.87 5.65 -14.74
CA ARG A 193 6.58 4.40 -14.98
C ARG A 193 7.79 4.62 -15.89
N MET A 194 7.64 5.44 -16.92
CA MET A 194 8.79 5.74 -17.77
C MET A 194 9.88 6.41 -16.96
N MET A 195 9.47 7.38 -16.14
CA MET A 195 10.41 8.20 -15.38
C MET A 195 11.13 7.42 -14.28
N ILE A 196 10.41 6.57 -13.56
CA ILE A 196 10.97 5.85 -12.39
C ILE A 196 10.72 4.33 -12.37
N GLY A 197 10.39 3.76 -13.53
CA GLY A 197 10.12 2.32 -13.64
C GLY A 197 11.30 1.41 -13.37
N ARG A 198 12.49 1.81 -13.81
N ARG A 198 12.48 1.81 -13.82
CA ARG A 198 13.70 1.03 -13.52
CA ARG A 198 13.71 1.06 -13.54
C ARG A 198 13.96 1.03 -12.03
C ARG A 198 13.99 1.04 -12.04
N PHE A 199 13.83 2.21 -11.42
CA PHE A 199 14.02 2.36 -9.96
C PHE A 199 13.06 1.46 -9.17
N CYS A 200 11.79 1.49 -9.56
CA CYS A 200 10.78 0.67 -8.90
C CYS A 200 11.08 -0.82 -9.04
N ALA A 201 11.57 -1.22 -10.21
CA ALA A 201 11.93 -2.62 -10.47
C ALA A 201 13.09 -3.07 -9.59
N GLN A 202 14.06 -2.18 -9.44
CA GLN A 202 15.22 -2.49 -8.63
C GLN A 202 14.81 -2.64 -7.16
N MET A 203 13.97 -1.71 -6.67
CA MET A 203 13.49 -1.81 -5.30
C MET A 203 12.74 -3.11 -5.05
N HIS A 204 11.83 -3.45 -5.97
CA HIS A 204 11.05 -4.67 -5.83
C HIS A 204 11.98 -5.86 -5.64
N SER A 205 12.96 -5.97 -6.52
CA SER A 205 13.90 -7.08 -6.49
C SER A 205 14.87 -7.05 -5.31
N ASN A 206 15.13 -5.86 -4.74
CA ASN A 206 16.03 -5.74 -3.59
C ASN A 206 15.32 -5.55 -2.24
N ASN A 207 14.07 -6.03 -2.16
CA ASN A 207 13.26 -5.82 -0.97
C ASN A 207 13.89 -6.46 0.27
N GLY A 208 13.63 -5.87 1.43
CA GLY A 208 14.15 -6.36 2.70
C GLY A 208 14.50 -5.23 3.63
N PRO A 209 14.98 -5.55 4.84
CA PRO A 209 15.31 -4.51 5.83
C PRO A 209 16.37 -3.50 5.40
N GLN A 210 17.37 -3.94 4.62
CA GLN A 210 18.44 -3.05 4.20
C GLN A 210 17.87 -1.76 3.61
N ILE A 211 17.06 -1.88 2.57
CA ILE A 211 16.38 -0.71 2.00
C ILE A 211 15.07 -0.38 2.73
N GLY A 212 14.69 -1.23 3.68
CA GLY A 212 13.52 -1.00 4.52
C GLY A 212 12.18 -1.07 3.80
N SER A 213 12.13 -1.90 2.77
CA SER A 213 10.93 -2.04 1.94
C SER A 213 10.58 -3.51 1.72
N ALA A 214 9.36 -3.89 2.07
CA ALA A 214 8.88 -5.23 1.78
C ALA A 214 8.15 -5.26 0.45
N VAL A 215 8.11 -4.12 -0.26
CA VAL A 215 7.45 -4.07 -1.57
C VAL A 215 8.21 -4.93 -2.56
N GLY A 216 7.55 -5.96 -3.10
CA GLY A 216 8.18 -6.92 -4.00
C GLY A 216 8.31 -8.32 -3.41
N CYS A 217 7.90 -8.47 -2.14
CA CYS A 217 8.12 -9.69 -1.38
C CYS A 217 7.01 -10.70 -1.58
N ASN A 218 7.30 -11.94 -1.20
CA ASN A 218 6.34 -13.03 -1.17
C ASN A 218 6.31 -13.62 0.24
N PRO A 219 5.35 -13.19 1.06
CA PRO A 219 5.31 -13.61 2.46
C PRO A 219 5.63 -15.09 2.71
N ASP A 220 5.11 -15.97 1.87
CA ASP A 220 5.35 -17.41 2.04
C ASP A 220 6.81 -17.77 2.21
N VAL A 221 7.68 -17.19 1.37
CA VAL A 221 9.10 -17.53 1.42
C VAL A 221 9.92 -16.51 2.21
N ASP A 222 9.50 -15.24 2.17
CA ASP A 222 10.29 -14.17 2.78
C ASP A 222 10.04 -13.99 4.27
N TRP A 223 9.00 -14.61 4.81
CA TRP A 223 8.73 -14.51 6.25
C TRP A 223 9.85 -15.17 7.03
N GLN A 224 10.46 -16.19 6.44
CA GLN A 224 11.65 -16.81 7.01
C GLN A 224 12.77 -15.78 7.09
N ARG A 225 13.04 -15.14 5.95
CA ARG A 225 14.08 -14.11 5.85
C ARG A 225 13.88 -12.99 6.87
N PHE A 226 12.70 -12.37 6.81
CA PHE A 226 12.37 -11.23 7.66
C PHE A 226 12.32 -11.62 9.13
N GLY A 227 11.66 -12.73 9.42
CA GLY A 227 11.53 -13.23 10.78
C GLY A 227 12.87 -13.41 11.49
N THR A 228 13.82 -14.05 10.81
CA THR A 228 15.11 -14.36 11.44
C THR A 228 15.88 -13.09 11.79
N HIS A 229 15.87 -12.14 10.86
CA HIS A 229 16.48 -10.83 11.04
C HIS A 229 15.94 -10.13 12.29
N PHE A 230 14.63 -9.88 12.31
CA PHE A 230 13.99 -9.16 13.42
C PHE A 230 14.04 -9.88 14.77
N ALA A 231 14.31 -11.19 14.77
CA ALA A 231 14.42 -11.94 16.03
C ALA A 231 15.75 -11.70 16.75
N GLN A 232 16.69 -11.03 16.07
CA GLN A 232 18.00 -10.73 16.64
C GLN A 232 18.04 -9.44 17.46
N TYR A 233 16.93 -8.70 17.48
CA TYR A 233 16.88 -7.41 18.17
C TYR A 233 16.08 -7.53 19.46
N ARG A 234 16.47 -6.75 20.46
CA ARG A 234 15.84 -6.85 21.79
C ARG A 234 14.42 -6.29 21.81
N ASN A 235 14.18 -5.28 20.98
CA ASN A 235 12.91 -4.57 20.97
C ASN A 235 12.32 -4.50 19.57
N VAL A 236 11.03 -4.80 19.46
CA VAL A 236 10.33 -4.77 18.18
C VAL A 236 9.01 -4.06 18.35
N TRP A 237 8.80 -3.00 17.57
CA TRP A 237 7.57 -2.22 17.67
C TRP A 237 6.67 -2.44 16.46
N ASP A 238 5.36 -2.46 16.74
CA ASP A 238 4.34 -2.60 15.73
C ASP A 238 3.61 -1.27 15.65
N VAL A 239 4.10 -0.37 14.80
CA VAL A 239 3.60 1.01 14.74
C VAL A 239 2.45 1.15 13.74
N ASP A 240 1.30 1.60 14.22
CA ASP A 240 0.16 1.93 13.39
C ASP A 240 0.15 3.42 13.11
N TYR A 241 -0.33 3.79 11.94
CA TYR A 241 -0.58 5.17 11.57
C TYR A 241 -2.06 5.37 11.37
N SER A 242 -2.51 6.61 11.48
CA SER A 242 -3.90 6.98 11.20
C SER A 242 -3.93 7.77 9.89
N ALA A 243 -4.51 7.18 8.86
CA ALA A 243 -4.59 7.84 7.56
C ALA A 243 -3.21 8.34 7.07
N PHE A 244 -2.22 7.45 7.13
CA PHE A 244 -0.86 7.68 6.63
C PHE A 244 -0.82 8.43 5.30
N ASP A 245 -1.52 7.89 4.32
CA ASP A 245 -1.40 8.35 2.94
C ASP A 245 -1.93 9.76 2.75
N ALA A 246 -3.04 10.08 3.41
CA ALA A 246 -3.66 11.40 3.26
C ALA A 246 -2.91 12.51 4.00
N ASN A 247 -2.21 12.17 5.08
CA ASN A 247 -1.56 13.16 5.95
C ASN A 247 -0.07 13.43 5.67
N HIS A 248 0.45 12.95 4.55
CA HIS A 248 1.79 13.35 4.12
C HIS A 248 1.71 14.83 3.83
N CYS A 249 2.52 15.62 4.53
CA CYS A 249 2.48 17.05 4.31
C CYS A 249 3.27 17.43 3.06
N SER A 250 2.83 18.50 2.41
CA SER A 250 3.41 18.97 1.16
C SER A 250 4.89 19.27 1.25
N ASP A 251 5.36 19.67 2.42
CA ASP A 251 6.78 19.94 2.61
C ASP A 251 7.56 18.63 2.59
N ALA A 252 7.06 17.63 3.31
CA ALA A 252 7.69 16.32 3.36
C ALA A 252 7.72 15.67 1.98
N MET A 253 6.58 15.68 1.29
CA MET A 253 6.48 15.12 -0.05
C MET A 253 7.45 15.76 -1.05
N ASN A 254 7.48 17.09 -1.08
CA ASN A 254 8.35 17.84 -2.01
C ASN A 254 9.82 17.59 -1.75
N ILE A 255 10.20 17.56 -0.48
CA ILE A 255 11.59 17.37 -0.10
C ILE A 255 12.04 15.92 -0.38
N MET A 256 11.18 14.97 -0.07
CA MET A 256 11.49 13.58 -0.37
C MET A 256 11.76 13.43 -1.86
N PHE A 257 10.87 13.99 -2.68
CA PHE A 257 11.00 13.92 -4.13
C PHE A 257 12.24 14.60 -4.67
N GLU A 258 12.64 15.70 -4.04
CA GLU A 258 13.86 16.41 -4.44
C GLU A 258 15.10 15.63 -4.11
N GLU A 259 15.11 14.95 -2.97
CA GLU A 259 16.32 14.27 -2.50
C GLU A 259 16.48 12.85 -3.03
N VAL A 260 15.36 12.18 -3.32
CA VAL A 260 15.41 10.77 -3.70
C VAL A 260 15.43 10.57 -5.22
N PHE A 261 14.98 11.56 -5.99
CA PHE A 261 14.89 11.40 -7.45
C PHE A 261 15.71 12.46 -8.17
N ARG A 262 16.91 12.68 -7.67
CA ARG A 262 17.82 13.66 -8.25
C ARG A 262 18.34 13.15 -9.59
N THR A 263 18.66 14.08 -10.48
CA THR A 263 19.29 13.74 -11.75
C THR A 263 20.65 13.07 -11.56
N GLU A 264 21.36 13.46 -10.49
CA GLU A 264 22.66 12.89 -10.17
C GLU A 264 22.61 11.42 -9.74
N PHE A 265 21.40 10.91 -9.48
CA PHE A 265 21.20 9.48 -9.25
C PHE A 265 20.66 8.78 -10.50
N GLY A 266 20.83 9.42 -11.66
CA GLY A 266 20.46 8.82 -12.93
C GLY A 266 19.03 9.05 -13.40
N PHE A 267 18.31 9.96 -12.76
CA PHE A 267 16.92 10.21 -13.14
C PHE A 267 16.81 11.33 -14.16
N HIS A 268 15.81 11.21 -15.02
CA HIS A 268 15.47 12.28 -15.96
C HIS A 268 14.83 13.42 -15.15
N PRO A 269 15.18 14.68 -15.45
CA PRO A 269 14.68 15.80 -14.63
C PRO A 269 13.16 15.83 -14.39
N ASN A 270 12.40 15.21 -15.29
CA ASN A 270 10.95 15.10 -15.11
C ASN A 270 10.49 14.00 -14.16
N ALA A 271 11.43 13.22 -13.62
CA ALA A 271 11.09 12.26 -12.57
C ALA A 271 10.57 13.04 -11.38
N GLU A 272 11.37 13.99 -10.91
CA GLU A 272 10.99 14.87 -9.81
C GLU A 272 9.70 15.62 -10.11
N TRP A 273 9.61 16.16 -11.32
CA TRP A 273 8.46 16.98 -11.71
C TRP A 273 7.16 16.17 -11.66
N ILE A 274 7.16 15.01 -12.31
CA ILE A 274 5.94 14.20 -12.39
C ILE A 274 5.43 13.76 -11.02
N LEU A 275 6.34 13.41 -10.10
CA LEU A 275 5.95 13.06 -8.75
C LEU A 275 5.40 14.27 -7.98
N LYS A 276 6.02 15.43 -8.21
CA LYS A 276 5.54 16.68 -7.59
C LYS A 276 4.13 17.10 -8.01
N THR A 277 3.64 16.59 -9.13
CA THR A 277 2.25 16.84 -9.52
C THR A 277 1.27 16.06 -8.62
N LEU A 278 1.77 15.16 -7.78
CA LEU A 278 0.91 14.42 -6.85
C LEU A 278 0.57 15.24 -5.60
N VAL A 279 1.32 16.31 -5.34
CA VAL A 279 1.14 17.11 -4.12
C VAL A 279 -0.19 17.87 -4.10
N ASN A 280 -0.38 18.78 -5.06
CA ASN A 280 -1.62 19.54 -5.20
C ASN A 280 -2.49 18.92 -6.28
N THR A 281 -3.64 18.39 -5.90
CA THR A 281 -4.46 17.60 -6.81
C THR A 281 -5.91 18.11 -6.88
N GLU A 282 -6.55 17.85 -8.03
CA GLU A 282 -7.98 18.06 -8.20
C GLU A 282 -8.66 16.69 -8.24
N HIS A 283 -9.79 16.59 -7.55
CA HIS A 283 -10.50 15.32 -7.41
C HIS A 283 -11.95 15.50 -7.81
N ALA A 284 -12.47 14.55 -8.58
CA ALA A 284 -13.81 14.65 -9.14
C ALA A 284 -14.71 13.57 -8.56
N TYR A 285 -15.63 13.98 -7.70
CA TYR A 285 -16.60 13.07 -7.11
C TYR A 285 -18.01 13.54 -7.48
N GLU A 286 -18.63 12.82 -8.42
CA GLU A 286 -19.91 13.20 -9.00
C GLU A 286 -19.91 14.67 -9.50
N ASN A 287 -20.80 15.50 -8.96
CA ASN A 287 -20.86 16.92 -9.35
C ASN A 287 -19.74 17.73 -8.73
N LYS A 288 -19.18 17.24 -7.62
CA LYS A 288 -18.20 17.99 -6.87
C LYS A 288 -16.80 17.88 -7.47
N ARG A 289 -16.08 19.01 -7.45
CA ARG A 289 -14.68 19.05 -7.81
C ARG A 289 -13.90 19.59 -6.61
N ILE A 290 -13.21 18.70 -5.91
CA ILE A 290 -12.48 19.05 -4.68
C ILE A 290 -10.98 19.18 -4.97
N THR A 291 -10.41 20.32 -4.60
CA THR A 291 -8.98 20.58 -4.76
C THR A 291 -8.30 20.40 -3.42
N VAL A 292 -7.19 19.67 -3.41
CA VAL A 292 -6.52 19.26 -2.16
C VAL A 292 -5.02 19.54 -2.22
N GLU A 293 -4.42 19.83 -1.07
CA GLU A 293 -2.99 20.12 -0.97
C GLU A 293 -2.35 19.29 0.14
N GLY A 294 -1.38 18.47 -0.25
CA GLY A 294 -0.78 17.48 0.65
C GLY A 294 -1.43 16.14 0.39
N GLY A 295 -0.90 15.09 1.00
CA GLY A 295 -1.44 13.74 0.85
C GLY A 295 -1.08 13.08 -0.46
N MET A 296 -1.07 11.76 -0.46
CA MET A 296 -0.78 10.95 -1.64
C MET A 296 -2.06 10.31 -2.19
N PRO A 297 -2.28 10.42 -3.51
CA PRO A 297 -3.37 9.65 -4.10
C PRO A 297 -2.99 8.19 -4.32
N SER A 298 -3.97 7.30 -4.23
CA SER A 298 -3.73 5.87 -4.26
C SER A 298 -3.42 5.33 -5.65
N GLY A 299 -3.83 6.06 -6.69
CA GLY A 299 -3.80 5.55 -8.07
C GLY A 299 -2.52 5.77 -8.85
N CYS A 300 -1.55 6.44 -8.25
CA CYS A 300 -0.26 6.63 -8.89
C CYS A 300 0.46 5.30 -9.04
N SER A 301 1.33 5.20 -10.05
CA SER A 301 2.06 3.97 -10.30
C SER A 301 2.91 3.53 -9.11
N ALA A 302 3.60 4.47 -8.49
CA ALA A 302 4.55 4.14 -7.43
C ALA A 302 4.04 4.52 -6.03
N THR A 303 2.73 4.43 -5.82
CA THR A 303 2.12 4.82 -4.53
C THR A 303 2.70 4.05 -3.34
N SER A 304 2.86 2.74 -3.48
CA SER A 304 3.43 1.92 -2.40
C SER A 304 4.90 2.21 -2.14
N ILE A 305 5.66 2.37 -3.21
CA ILE A 305 7.09 2.70 -3.13
C ILE A 305 7.27 4.03 -2.42
N ILE A 306 6.46 5.01 -2.82
CA ILE A 306 6.55 6.37 -2.31
C ILE A 306 6.20 6.48 -0.83
N ASN A 307 5.13 5.81 -0.41
CA ASN A 307 4.74 5.75 0.98
C ASN A 307 5.82 5.05 1.79
N THR A 308 6.35 3.95 1.25
CA THR A 308 7.40 3.18 1.89
C THR A 308 8.66 4.02 2.11
N ILE A 309 8.99 4.82 1.10
CA ILE A 309 10.15 5.71 1.19
C ILE A 309 9.90 6.73 2.28
N LEU A 310 8.71 7.34 2.26
CA LEU A 310 8.32 8.29 3.28
C LEU A 310 8.36 7.67 4.67
N ASN A 311 7.84 6.45 4.79
CA ASN A 311 7.82 5.77 6.09
C ASN A 311 9.22 5.66 6.65
N ASN A 312 10.17 5.25 5.81
CA ASN A 312 11.56 5.13 6.23
C ASN A 312 12.10 6.48 6.71
N ILE A 313 11.83 7.53 5.95
CA ILE A 313 12.39 8.83 6.25
C ILE A 313 11.77 9.40 7.52
N TYR A 314 10.49 9.12 7.74
CA TYR A 314 9.79 9.59 8.94
C TYR A 314 10.40 9.04 10.23
N VAL A 315 10.76 7.76 10.22
CA VAL A 315 11.30 7.11 11.41
C VAL A 315 12.68 7.68 11.75
N LEU A 316 13.50 7.96 10.73
CA LEU A 316 14.81 8.57 10.93
C LEU A 316 14.67 9.99 11.46
N TYR A 317 13.77 10.75 10.84
CA TYR A 317 13.47 12.11 11.24
C TYR A 317 12.94 12.20 12.67
N ALA A 318 11.96 11.35 12.99
CA ALA A 318 11.36 11.35 14.32
C ALA A 318 12.41 11.04 15.37
N LEU A 319 13.21 10.01 15.14
CA LEU A 319 14.24 9.63 16.09
C LEU A 319 15.31 10.72 16.28
N ARG A 320 15.74 11.33 15.17
CA ARG A 320 16.75 12.38 15.21
C ARG A 320 16.23 13.66 15.84
N ARG A 321 14.94 13.92 15.69
CA ARG A 321 14.33 15.11 16.30
C ARG A 321 14.30 14.99 17.84
N HIS A 322 14.16 13.77 18.34
CA HIS A 322 14.11 13.53 19.78
C HIS A 322 15.52 13.28 20.32
N TYR A 323 16.19 12.24 19.82
CA TYR A 323 17.52 11.86 20.29
C TYR A 323 18.61 12.54 19.46
N GLU A 324 19.86 12.32 19.87
CA GLU A 324 21.03 12.73 19.11
C GLU A 324 21.93 11.51 18.87
N GLY A 325 22.83 11.63 17.90
CA GLY A 325 23.68 10.52 17.48
C GLY A 325 22.91 9.41 16.76
N VAL A 326 21.73 9.74 16.22
CA VAL A 326 20.87 8.75 15.56
C VAL A 326 21.24 8.61 14.10
N GLU A 327 21.57 7.38 13.70
CA GLU A 327 21.93 7.07 12.33
C GLU A 327 21.09 5.90 11.80
N LEU A 328 21.28 5.57 10.52
CA LEU A 328 20.52 4.50 9.88
C LEU A 328 20.74 3.13 10.52
N ASP A 329 21.92 2.90 11.08
CA ASP A 329 22.23 1.63 11.73
C ASP A 329 21.89 1.63 13.23
N THR A 330 21.24 2.69 13.71
CA THR A 330 20.75 2.76 15.10
C THR A 330 19.56 1.82 15.31
N TYR A 331 18.79 1.62 14.25
CA TYR A 331 17.58 0.78 14.27
C TYR A 331 17.56 -0.04 12.98
N THR A 332 16.54 -0.89 12.87
CA THR A 332 16.24 -1.57 11.61
C THR A 332 14.73 -1.53 11.36
N MET A 333 14.33 -1.51 10.09
CA MET A 333 12.90 -1.55 9.78
C MET A 333 12.56 -2.06 8.39
N ILE A 334 11.36 -2.58 8.26
CA ILE A 334 10.80 -2.91 6.97
C ILE A 334 9.40 -2.31 6.91
N SER A 335 9.08 -1.73 5.76
CA SER A 335 7.82 -1.05 5.56
C SER A 335 7.18 -1.49 4.25
N TYR A 336 5.86 -1.56 4.24
CA TYR A 336 5.07 -1.71 3.02
C TYR A 336 3.99 -0.65 3.11
N GLY A 337 4.23 0.49 2.46
CA GLY A 337 3.36 1.64 2.62
C GLY A 337 3.31 2.10 4.06
N ASP A 338 2.11 2.27 4.60
CA ASP A 338 1.92 2.63 6.01
C ASP A 338 2.34 1.53 6.97
N ASP A 339 2.33 0.29 6.47
CA ASP A 339 2.58 -0.86 7.30
C ASP A 339 4.07 -0.93 7.62
N ILE A 340 4.40 -1.23 8.87
CA ILE A 340 5.77 -1.10 9.36
C ILE A 340 6.10 -1.93 10.59
N VAL A 341 7.28 -2.54 10.55
CA VAL A 341 7.91 -3.13 11.72
C VAL A 341 9.25 -2.41 11.93
N VAL A 342 9.48 -1.91 13.14
CA VAL A 342 10.75 -1.31 13.54
C VAL A 342 11.37 -2.13 14.66
N ALA A 343 12.70 -2.21 14.68
CA ALA A 343 13.40 -2.86 15.78
C ALA A 343 14.74 -2.20 16.09
N SER A 344 15.18 -2.36 17.34
CA SER A 344 16.43 -1.76 17.80
C SER A 344 16.90 -2.47 19.06
N ASP A 345 18.21 -2.53 19.25
CA ASP A 345 18.78 -3.02 20.51
C ASP A 345 18.70 -1.92 21.56
N TYR A 346 18.80 -0.68 21.12
CA TYR A 346 18.54 0.47 21.98
C TYR A 346 17.09 0.42 22.45
N ASP A 347 16.83 0.97 23.63
CA ASP A 347 15.51 0.95 24.22
C ASP A 347 14.78 2.24 23.86
N LEU A 348 14.36 2.33 22.59
CA LEU A 348 13.79 3.56 22.05
C LEU A 348 12.43 3.87 22.67
N ASP A 349 12.07 5.14 22.69
CA ASP A 349 10.86 5.62 23.38
C ASP A 349 9.85 6.18 22.38
N PHE A 350 9.10 5.29 21.76
CA PHE A 350 8.15 5.66 20.71
C PHE A 350 7.00 6.52 21.22
N GLU A 351 6.67 6.39 22.50
CA GLU A 351 5.63 7.23 23.10
C GLU A 351 6.09 8.69 23.11
N ALA A 352 7.39 8.91 23.32
CA ALA A 352 7.97 10.25 23.26
C ALA A 352 8.17 10.72 21.81
N LEU A 353 8.26 9.79 20.87
CA LEU A 353 8.38 10.16 19.46
C LEU A 353 7.08 10.69 18.88
N LYS A 354 5.95 10.32 19.47
CA LYS A 354 4.62 10.77 19.02
C LYS A 354 4.57 12.22 18.52
N PRO A 355 4.96 13.19 19.38
CA PRO A 355 4.93 14.60 19.00
C PRO A 355 5.78 14.96 17.79
N HIS A 356 6.90 14.26 17.61
CA HIS A 356 7.80 14.52 16.48
C HIS A 356 7.20 13.99 15.16
N PHE A 357 6.50 12.86 15.22
CA PHE A 357 5.70 12.41 14.09
C PHE A 357 4.54 13.38 13.81
N LYS A 358 3.96 13.93 14.86
CA LYS A 358 2.91 14.96 14.72
C LYS A 358 3.38 16.19 13.96
N SER A 359 4.67 16.53 14.07
CA SER A 359 5.25 17.65 13.32
C SER A 359 5.25 17.40 11.80
N LEU A 360 5.07 16.14 11.39
CA LEU A 360 4.91 15.79 9.97
C LEU A 360 3.46 15.53 9.59
N GLY A 361 2.55 15.67 10.56
CA GLY A 361 1.12 15.45 10.33
C GLY A 361 0.67 14.03 10.66
N GLN A 362 1.61 13.18 11.09
CA GLN A 362 1.35 11.74 11.26
C GLN A 362 1.13 11.36 12.72
N THR A 363 0.13 10.51 12.96
CA THR A 363 -0.28 10.12 14.30
C THR A 363 -0.02 8.63 14.50
N ILE A 364 1.02 8.33 15.28
CA ILE A 364 1.36 6.94 15.57
C ILE A 364 0.68 6.45 16.85
N THR A 365 0.24 5.19 16.85
CA THR A 365 -0.30 4.53 18.04
C THR A 365 0.15 3.07 18.01
N PRO A 366 0.13 2.40 19.18
CA PRO A 366 0.52 0.99 19.20
C PRO A 366 -0.51 0.09 18.52
N ALA A 367 -0.02 -0.95 17.85
CA ALA A 367 -0.91 -1.95 17.26
C ALA A 367 -1.64 -2.70 18.36
N ASP A 368 -0.89 -3.17 19.35
CA ASP A 368 -1.47 -3.80 20.54
C ASP A 368 -2.25 -2.73 21.30
N LYS A 369 -3.57 -2.72 21.11
CA LYS A 369 -4.44 -1.64 21.57
C LYS A 369 -4.56 -1.51 23.09
N SER A 370 -3.99 -2.47 23.83
CA SER A 370 -3.89 -2.40 25.29
C SER A 370 -3.66 -0.97 25.79
N ASP A 371 -4.40 -0.60 26.84
CA ASP A 371 -4.55 0.79 27.29
C ASP A 371 -3.26 1.63 27.22
N LYS A 372 -2.14 1.07 27.67
CA LYS A 372 -0.87 1.78 27.69
C LYS A 372 -0.35 2.05 26.28
N GLY A 373 0.59 2.99 26.16
CA GLY A 373 1.20 3.33 24.88
C GLY A 373 2.31 2.36 24.47
N PHE A 374 3.31 2.87 23.77
CA PHE A 374 4.42 2.03 23.27
C PHE A 374 5.34 1.58 24.40
N VAL A 375 5.83 0.35 24.31
CA VAL A 375 6.71 -0.22 25.33
C VAL A 375 7.82 -1.07 24.72
N LEU A 376 8.82 -1.38 25.53
CA LEU A 376 9.95 -2.19 25.11
C LEU A 376 9.60 -3.67 25.21
N GLY A 377 10.54 -4.54 24.84
CA GLY A 377 10.45 -5.97 25.11
C GLY A 377 9.72 -6.83 24.10
N HIS A 378 8.81 -6.24 23.32
CA HIS A 378 8.05 -7.00 22.34
C HIS A 378 8.98 -7.62 21.30
N SER A 379 8.73 -8.87 20.96
CA SER A 379 9.55 -9.59 19.97
C SER A 379 8.81 -9.67 18.63
N ILE A 380 9.45 -10.30 17.65
CA ILE A 380 8.86 -10.53 16.32
C ILE A 380 7.59 -11.38 16.36
N THR A 381 7.44 -12.24 17.38
CA THR A 381 6.27 -13.13 17.48
C THR A 381 5.02 -12.46 18.07
N ASP A 382 5.11 -11.18 18.42
CA ASP A 382 3.95 -10.46 18.95
C ASP A 382 3.31 -9.57 17.89
N VAL A 383 4.06 -9.23 16.84
CA VAL A 383 3.64 -8.19 15.91
C VAL A 383 3.03 -8.75 14.62
N THR A 384 2.33 -7.87 13.91
CA THR A 384 1.72 -8.18 12.62
C THR A 384 2.38 -7.36 11.51
N PHE A 385 2.43 -7.93 10.30
CA PHE A 385 2.92 -7.22 9.12
C PHE A 385 2.21 -7.81 7.90
N LEU A 386 1.54 -6.96 7.13
CA LEU A 386 0.68 -7.39 6.04
C LEU A 386 -0.41 -8.38 6.52
N LYS A 387 -1.06 -8.05 7.63
CA LYS A 387 -2.09 -8.90 8.26
C LYS A 387 -1.63 -10.32 8.60
N ARG A 388 -0.34 -10.49 8.82
CA ARG A 388 0.22 -11.80 9.10
C ARG A 388 1.14 -11.74 10.32
N HIS A 389 0.95 -12.69 11.23
CA HIS A 389 1.88 -12.87 12.35
C HIS A 389 3.12 -13.64 11.88
N PHE A 390 4.13 -13.68 12.74
CA PHE A 390 5.32 -14.51 12.51
C PHE A 390 5.30 -15.67 13.49
N HIS A 391 4.96 -16.86 12.99
CA HIS A 391 4.97 -18.08 13.80
C HIS A 391 5.97 -19.07 13.22
N MET A 392 6.70 -19.74 14.12
CA MET A 392 7.71 -20.72 13.72
C MET A 392 6.99 -22.00 13.34
N ASP A 393 7.31 -22.56 12.18
CA ASP A 393 6.73 -23.83 11.76
C ASP A 393 7.43 -24.99 12.46
N TYR A 394 6.65 -25.81 13.17
CA TYR A 394 7.19 -26.96 13.91
C TYR A 394 7.92 -27.97 13.00
N GLY A 395 7.39 -28.20 11.80
CA GLY A 395 7.98 -29.16 10.88
C GLY A 395 9.31 -28.72 10.29
N THR A 396 9.30 -27.59 9.58
CA THR A 396 10.48 -27.12 8.87
C THR A 396 11.44 -26.29 9.74
N GLY A 397 10.92 -25.72 10.82
CA GLY A 397 11.70 -24.80 11.65
C GLY A 397 11.95 -23.47 10.95
N PHE A 398 11.01 -23.05 10.11
CA PHE A 398 11.07 -21.74 9.48
C PHE A 398 9.87 -20.92 9.91
N TYR A 399 10.00 -19.60 9.82
CA TYR A 399 8.86 -18.70 10.07
C TYR A 399 7.84 -18.85 8.96
N LYS A 400 6.56 -18.79 9.33
CA LYS A 400 5.50 -18.77 8.33
C LYS A 400 4.49 -17.68 8.65
N PRO A 401 3.92 -17.05 7.61
CA PRO A 401 2.92 -16.02 7.81
C PRO A 401 1.57 -16.59 8.18
N VAL A 402 1.11 -16.29 9.39
CA VAL A 402 -0.17 -16.78 9.88
C VAL A 402 -1.16 -15.64 9.99
N MET A 403 -2.24 -15.71 9.21
CA MET A 403 -3.35 -14.76 9.34
C MET A 403 -4.30 -15.21 10.43
N ALA A 404 -4.90 -14.25 11.13
CA ALA A 404 -5.80 -14.57 12.23
C ALA A 404 -7.04 -15.26 11.70
N SER A 405 -7.52 -16.25 12.43
CA SER A 405 -8.66 -17.04 12.01
C SER A 405 -9.88 -16.18 11.67
N LYS A 406 -10.11 -15.11 12.44
CA LYS A 406 -11.26 -14.24 12.20
C LYS A 406 -11.18 -13.51 10.87
N THR A 407 -9.97 -13.11 10.49
CA THR A 407 -9.74 -12.44 9.22
C THR A 407 -9.99 -13.40 8.06
N LEU A 408 -9.58 -14.65 8.24
CA LEU A 408 -9.83 -15.67 7.24
C LEU A 408 -11.32 -15.98 7.10
N GLU A 409 -12.02 -16.04 8.22
CA GLU A 409 -13.47 -16.25 8.21
C GLU A 409 -14.16 -15.16 7.42
N ALA A 410 -13.73 -13.91 7.59
CA ALA A 410 -14.31 -12.80 6.86
C ALA A 410 -14.03 -12.92 5.36
N ILE A 411 -12.77 -13.20 5.02
CA ILE A 411 -12.38 -13.39 3.62
C ILE A 411 -13.23 -14.47 2.98
N LEU A 412 -13.39 -15.59 3.68
CA LEU A 412 -14.14 -16.71 3.13
C LEU A 412 -15.66 -16.49 3.09
N SER A 413 -16.16 -15.60 3.93
CA SER A 413 -17.61 -15.36 4.05
C SER A 413 -18.24 -14.67 2.85
N PHE A 414 -17.44 -13.96 2.06
CA PHE A 414 -17.96 -13.18 0.91
C PHE A 414 -17.21 -13.51 -0.37
N ALA A 415 -17.85 -13.29 -1.51
CA ALA A 415 -17.24 -13.50 -2.82
C ALA A 415 -18.04 -12.81 -3.92
N ARG A 416 -17.38 -12.50 -5.03
CA ARG A 416 -18.06 -11.97 -6.20
C ARG A 416 -18.71 -13.13 -6.94
N ARG A 417 -19.75 -12.83 -7.71
CA ARG A 417 -20.52 -13.87 -8.38
C ARG A 417 -19.63 -14.75 -9.25
N GLY A 418 -19.60 -16.04 -8.94
CA GLY A 418 -18.89 -17.03 -9.76
C GLY A 418 -17.39 -17.15 -9.59
N THR A 419 -16.82 -16.55 -8.56
CA THR A 419 -15.38 -16.61 -8.31
C THR A 419 -15.04 -17.53 -7.13
N ILE A 420 -16.06 -18.15 -6.54
CA ILE A 420 -15.91 -18.85 -5.27
C ILE A 420 -14.89 -20.00 -5.30
N GLN A 421 -14.85 -20.78 -6.38
CA GLN A 421 -13.89 -21.89 -6.47
C GLN A 421 -12.45 -21.36 -6.49
N GLU A 422 -12.16 -20.45 -7.41
CA GLU A 422 -10.85 -19.78 -7.46
C GLU A 422 -10.48 -19.21 -6.08
N LYS A 423 -11.41 -18.48 -5.48
CA LYS A 423 -11.17 -17.81 -4.20
C LYS A 423 -10.68 -18.79 -3.14
N LEU A 424 -11.37 -19.92 -3.02
CA LEU A 424 -11.03 -20.95 -2.04
C LEU A 424 -9.66 -21.58 -2.26
N ILE A 425 -9.25 -21.71 -3.53
CA ILE A 425 -7.93 -22.25 -3.87
C ILE A 425 -6.88 -21.27 -3.36
N SER A 426 -7.00 -20.02 -3.81
CA SER A 426 -6.11 -18.94 -3.40
C SER A 426 -6.02 -18.78 -1.87
N VAL A 427 -7.19 -18.70 -1.23
CA VAL A 427 -7.27 -18.45 0.21
C VAL A 427 -6.77 -19.62 1.04
N ALA A 428 -6.84 -20.84 0.49
CA ALA A 428 -6.28 -22.00 1.18
C ALA A 428 -4.76 -21.89 1.30
N GLY A 429 -4.13 -21.29 0.28
CA GLY A 429 -2.71 -20.96 0.34
C GLY A 429 -2.36 -20.07 1.51
N LEU A 430 -3.32 -19.26 1.97
CA LEU A 430 -3.16 -18.45 3.17
C LEU A 430 -3.48 -19.26 4.41
N ALA A 431 -4.58 -20.00 4.36
CA ALA A 431 -5.09 -20.69 5.53
C ALA A 431 -4.21 -21.81 6.02
N VAL A 432 -3.44 -22.43 5.12
CA VAL A 432 -2.58 -23.58 5.47
C VAL A 432 -1.67 -23.32 6.68
N HIS A 433 -1.21 -22.09 6.85
CA HIS A 433 -0.31 -21.75 7.94
C HIS A 433 -0.95 -21.69 9.30
N SER A 434 -2.28 -21.74 9.36
CA SER A 434 -3.01 -21.81 10.63
C SER A 434 -3.00 -23.22 11.23
N GLY A 435 -2.42 -24.18 10.50
CA GLY A 435 -2.40 -25.56 10.95
C GLY A 435 -3.62 -26.32 10.47
N PRO A 436 -3.55 -27.66 10.50
CA PRO A 436 -4.54 -28.55 9.88
C PRO A 436 -5.92 -28.56 10.54
N ASP A 437 -5.96 -28.48 11.87
CA ASP A 437 -7.24 -28.44 12.59
C ASP A 437 -8.01 -27.16 12.26
N GLU A 438 -7.30 -26.02 12.28
CA GLU A 438 -7.88 -24.76 11.91
C GLU A 438 -8.19 -24.69 10.41
N TYR A 439 -7.34 -25.31 9.59
CA TYR A 439 -7.54 -25.36 8.14
C TYR A 439 -8.84 -26.06 7.75
N ARG A 440 -9.07 -27.25 8.30
CA ARG A 440 -10.31 -27.99 8.09
C ARG A 440 -11.52 -27.16 8.52
N ARG A 441 -11.46 -26.63 9.74
CA ARG A 441 -12.58 -25.86 10.31
C ARG A 441 -12.97 -24.68 9.45
N LEU A 442 -11.99 -23.98 8.88
CA LEU A 442 -12.25 -22.81 8.05
C LEU A 442 -12.94 -23.20 6.73
N PHE A 443 -12.66 -24.39 6.24
CA PHE A 443 -13.22 -24.82 4.96
C PHE A 443 -14.40 -25.80 5.09
N GLU A 444 -14.72 -26.22 6.31
CA GLU A 444 -15.85 -27.13 6.54
C GLU A 444 -17.12 -26.71 5.80
N PRO A 445 -17.54 -25.43 5.91
CA PRO A 445 -18.75 -25.01 5.21
C PRO A 445 -18.82 -25.30 3.70
N PHE A 446 -17.67 -25.55 3.07
CA PHE A 446 -17.63 -25.78 1.62
C PHE A 446 -17.50 -27.25 1.21
N GLN A 447 -17.46 -28.15 2.19
CA GLN A 447 -17.30 -29.58 1.90
C GLN A 447 -18.56 -30.17 1.28
N GLY A 448 -18.40 -30.79 0.13
CA GLY A 448 -19.51 -31.28 -0.67
C GLY A 448 -19.82 -30.35 -1.84
N LEU A 449 -19.56 -29.05 -1.64
CA LEU A 449 -19.97 -28.02 -2.60
C LEU A 449 -18.87 -27.60 -3.57
N PHE A 450 -17.62 -27.61 -3.11
CA PHE A 450 -16.45 -27.25 -3.94
C PHE A 450 -15.24 -28.13 -3.63
N GLU A 451 -14.24 -28.04 -4.51
CA GLU A 451 -12.94 -28.65 -4.25
C GLU A 451 -12.15 -27.81 -3.25
N ILE A 452 -11.81 -28.43 -2.12
CA ILE A 452 -10.92 -27.84 -1.13
C ILE A 452 -9.58 -28.58 -1.18
N PRO A 453 -8.49 -27.89 -1.60
CA PRO A 453 -7.17 -28.52 -1.60
C PRO A 453 -6.86 -29.12 -0.24
N SER A 454 -6.19 -30.29 -0.22
CA SER A 454 -5.88 -30.93 1.04
C SER A 454 -4.85 -30.08 1.78
N TYR A 455 -4.78 -30.26 3.09
CA TYR A 455 -3.80 -29.55 3.90
C TYR A 455 -2.40 -29.98 3.50
N ARG A 456 -2.21 -31.29 3.42
CA ARG A 456 -0.91 -31.88 3.14
C ARG A 456 -0.34 -31.40 1.82
N SER A 457 -1.16 -31.35 0.78
CA SER A 457 -0.69 -30.90 -0.53
C SER A 457 -0.06 -29.52 -0.44
N LEU A 458 -0.79 -28.57 0.13
CA LEU A 458 -0.30 -27.18 0.23
C LEU A 458 0.85 -27.01 1.22
N TYR A 459 0.90 -27.84 2.27
CA TYR A 459 2.05 -27.85 3.17
C TYR A 459 3.33 -28.23 2.43
N LEU A 460 3.27 -29.28 1.61
CA LEU A 460 4.42 -29.71 0.82
C LEU A 460 4.81 -28.70 -0.25
N ARG A 461 3.82 -28.03 -0.82
CA ARG A 461 4.08 -26.96 -1.78
C ARG A 461 4.86 -25.84 -1.10
N TRP A 462 4.47 -25.51 0.12
CA TRP A 462 5.09 -24.43 0.85
C TRP A 462 6.50 -24.77 1.31
N VAL A 463 6.75 -26.03 1.68
CA VAL A 463 8.09 -26.42 2.11
C VAL A 463 9.10 -26.23 0.96
N ASN A 464 8.74 -26.70 -0.23
CA ASN A 464 9.59 -26.51 -1.41
C ASN A 464 9.79 -25.04 -1.77
N ALA A 465 8.79 -24.21 -1.50
CA ALA A 465 8.85 -22.78 -1.82
C ALA A 465 9.85 -22.02 -0.93
N VAL A 466 9.68 -22.13 0.37
CA VAL A 466 10.54 -21.43 1.32
C VAL A 466 11.99 -21.94 1.30
N CYS A 467 12.17 -23.24 1.11
CA CYS A 467 13.50 -23.82 1.07
C CYS A 467 13.48 -25.16 0.33
N GLY A 468 13.85 -25.12 -0.95
CA GLY A 468 13.88 -26.32 -1.81
C GLY A 468 14.74 -27.45 -1.26
N ASP A 469 15.73 -27.10 -0.45
CA ASP A 469 16.64 -28.08 0.17
C ASP A 469 15.93 -28.89 1.25
N ALA A 470 15.23 -28.18 2.15
CA ALA A 470 14.47 -28.80 3.24
C ALA A 470 13.37 -29.73 2.73
N ALA A 471 12.82 -29.43 1.55
CA ALA A 471 11.84 -30.31 0.89
C ALA A 471 12.48 -31.63 0.49
N ALA A 472 13.63 -31.56 -0.17
CA ALA A 472 14.40 -32.76 -0.56
C ALA A 472 15.00 -33.45 0.67
N ALA A 473 15.33 -32.67 1.70
CA ALA A 473 15.92 -33.19 2.94
C ALA A 473 15.02 -34.19 3.67
N LEU A 474 13.71 -33.97 3.61
CA LEU A 474 12.74 -34.89 4.22
C LEU A 474 12.66 -36.22 3.47
N GLU A 475 12.80 -36.17 2.15
CA GLU A 475 12.85 -37.37 1.31
C GLU A 475 14.29 -37.84 1.16
C1 GOL D . 17.61 1.32 8.60
O1 GOL D . 18.82 1.07 7.86
C2 GOL D . 16.42 0.65 7.92
O2 GOL D . 16.64 -0.76 7.84
C3 GOL D . 16.20 1.22 6.51
O3 GOL D . 15.75 2.58 6.56
C1 GOL E . 18.30 -9.45 2.64
O1 GOL E . 17.43 -9.22 3.77
C2 GOL E . 17.97 -8.50 1.51
O2 GOL E . 18.50 -9.00 0.26
C3 GOL E . 18.57 -7.13 1.83
O3 GOL E . 18.10 -6.70 3.12
C ACT F . 0.98 -2.72 11.44
O ACT F . 0.23 -2.95 12.44
OXT ACT F . 1.82 -3.59 11.11
CH3 ACT F . 0.87 -1.43 10.68
MN MN G . 3.12 20.98 3.88
#